data_7YVF
#
_entry.id   7YVF
#
_cell.length_a   1.00
_cell.length_b   1.00
_cell.length_c   1.00
_cell.angle_alpha   90.00
_cell.angle_beta   90.00
_cell.angle_gamma   90.00
#
_symmetry.space_group_name_H-M   'P 1'
#
loop_
_entity.id
_entity.type
_entity.pdbx_description
1 polymer 'TH027 Fab light chain'
2 polymer 'TH027 Fab heavy chain'
3 polymer 'Spike glycoprotein'
#
loop_
_entity_poly.entity_id
_entity_poly.type
_entity_poly.pdbx_seq_one_letter_code
_entity_poly.pdbx_strand_id
1 'polypeptide(L)'
;QSVLTQSPSASGTPGQRVTISCSGSRSNIGSNFVYWFHQLPGTAPKLLIHSNDQRPSGVPDRFSGSNSGTSASLAISGLR
SEDEADYYCAAWDDSLSSWVFGGGTKLTVL
;
A
2 'polypeptide(L)'
;QITLKESGLTLVRPTQTLTLTCTFSGFSLINSGVGVGWIRQPPGKALEWLALIYWDDDKRYNPSLRSRLTISKATSKNQV
VLTMTNMDPVDTATYYCTHRGPGHNTPIYFEFWGQGALVTVSS
;
C
3 'polypeptide(L)'
;MFVFLVLLPLVSSQCVNLITRTQLPPAYTNSFTRGVYYPDKVFRSSVLHSTQDLFLPFFSNVTWFHAIHVSGTNGTKRFD
NPVLPFNDGVYFASTEKSNIIRGWIFGTTLDSKTQSLLIVNNATNVVIKVCEFQFCNDPFLDVYYHKNNKSWMESEFRVY
SSANNCTFEYVSQPFLMDLEGKQGNFKNLREFVFKNIDGYFKIYSKHTPINLGRDLPQGFSALEPLVDLPIGINITRFQT
LLALHRSYLTPGDSSSGWTAGAAAYYVGYLQPRTFLLKYNENGTITDAVDCALDPLSETKCTLKSFTVEKGIYQTSNFRV
QPTESIVRFPNITNLCPFDEVFNATRFASVYAWNRKRISNCVADYSVLYNFAPFFAFKCYGVSPTKLNDLCFTNVYADSF
VIRGNEVSQIAPGQTGNIADYNYKLPDDFTGCVIAWNSNKLDSKVGGNYNYRYRLFRKSNLKPFERDISTEIYQAGNKPC
NGVAGVNCYFPLQSYGFRPTYGVGHQPYRVVVLSFELLHAPATVCGPKKSTNLVKNKCVNFNFNGLTGTGVLTESNKKFL
PFQQFGRDIADTTDAVRDPQTLEILDITPCSFGGVSVITPGTNTSNQVAVLYQGVNCTEVPVAIHADQLTPTWRVYSTGS
NVFQTRAGCLIGAEYVNSSYECDIPIGAGICASYQTQTKSHGSASSVASQSIIAYTMSLGAENSVAYSNNSIAIPTNFTI
SVTTEILPVSMTKTSVDCTMYICGDSTECSNLLLQYGSFCTQLKRALTGIAVEQDKNTQEVFAQVKQIYKTPPIKYFGGF
NFSQILPDPSKPSKRSPIEDLLFNKVTLADAGFIKQYGDCLGDIAARDLICAQKFNGLTVLPPLLTDEMIAQYTSALLAG
TITSGWTFGAGPALQIPFPMQMAYRFNGIGVTQNVLYENQKLIANQFNSAIGKIQDSLSSTPSALGKLQDVVNHNAQALN
TLVKQLSSKFGAISSVLNDILSRLDPPEAEVQIDRLITGRLQSLQTYVTQQLIRAAEIRASANLAATKMSECVLGQSKRV
DFCGKGYHLMSFPQSAPHGVVFLHVTYVPAQEKNFTTAPAICHDGKAHFPREGVFVSNGTHWFVTQRNFYEPQIITTDNT
FVSGNCDVVIGIVNNTVYDPLQPELDSFKEELDKYFKNHTSPDVDLGDISGINASVVNIQKEIDRLNEVAKNLNESLIDL
QELGKYEQGSGYIPEAPRDGQAYVRKDGEWVFLSTFLSGLEVLFQGPGGWSHPQFEKGGGSGGGSGGSAWSHPQFEKGGS
HHHHHHHH
;
B
#
# COMPACT_ATOMS: atom_id res chain seq x y z
N GLN A 1 25.49 -7.58 3.17
CA GLN A 1 24.56 -7.18 4.22
C GLN A 1 23.47 -6.25 3.65
N SER A 2 23.90 -5.24 2.89
CA SER A 2 22.97 -4.26 2.33
C SER A 2 22.92 -4.34 0.80
N VAL A 3 23.47 -5.39 0.21
CA VAL A 3 23.43 -5.59 -1.23
C VAL A 3 23.31 -7.08 -1.49
N LEU A 4 22.41 -7.43 -2.40
CA LEU A 4 22.17 -8.83 -2.73
C LEU A 4 23.15 -9.30 -3.80
N THR A 5 23.61 -10.54 -3.67
CA THR A 5 24.63 -11.09 -4.55
C THR A 5 24.08 -12.32 -5.25
N GLN A 6 24.18 -12.35 -6.57
CA GLN A 6 23.74 -13.49 -7.36
C GLN A 6 24.90 -14.01 -8.20
N SER A 7 24.88 -15.30 -8.46
CA SER A 7 25.85 -15.87 -9.37
C SER A 7 25.54 -15.42 -10.80
N PRO A 8 26.57 -15.12 -11.61
CA PRO A 8 26.30 -14.54 -12.94
C PRO A 8 25.74 -15.52 -13.97
N SER A 9 25.92 -16.83 -13.80
CA SER A 9 25.58 -17.77 -14.86
C SER A 9 24.76 -18.94 -14.34
N ALA A 10 23.81 -19.39 -15.17
CA ALA A 10 22.97 -20.55 -14.85
C ALA A 10 23.21 -21.71 -15.81
N SER A 11 23.09 -21.49 -17.12
CA SER A 11 23.52 -22.43 -18.15
C SER A 11 22.81 -23.79 -18.04
N GLY A 12 21.52 -23.78 -18.31
CA GLY A 12 20.74 -25.01 -18.41
C GLY A 12 20.69 -25.58 -19.82
N THR A 13 19.62 -26.32 -20.11
CA THR A 13 19.41 -26.96 -21.41
C THR A 13 17.94 -27.35 -21.51
N PRO A 14 17.36 -27.36 -22.71
CA PRO A 14 15.89 -27.41 -22.84
C PRO A 14 15.25 -28.56 -22.08
N GLY A 15 14.05 -28.30 -21.55
CA GLY A 15 13.28 -29.26 -20.81
C GLY A 15 13.81 -29.66 -19.45
N GLN A 16 14.66 -28.83 -18.86
CA GLN A 16 15.26 -29.09 -17.57
C GLN A 16 14.84 -28.04 -16.56
N ARG A 17 15.03 -28.36 -15.29
CA ARG A 17 14.68 -27.47 -14.20
C ARG A 17 15.94 -26.87 -13.61
N VAL A 18 15.93 -25.55 -13.38
CA VAL A 18 17.10 -24.87 -12.83
C VAL A 18 16.66 -23.92 -11.72
N THR A 19 17.63 -23.56 -10.88
CA THR A 19 17.39 -22.66 -9.76
C THR A 19 18.39 -21.51 -9.79
N ILE A 20 17.94 -20.36 -9.32
CA ILE A 20 18.74 -19.15 -9.25
C ILE A 20 18.68 -18.61 -7.83
N SER A 21 19.85 -18.40 -7.22
CA SER A 21 19.95 -18.04 -5.82
C SER A 21 20.10 -16.53 -5.64
N CYS A 22 19.84 -16.09 -4.41
CA CYS A 22 19.96 -14.68 -4.05
C CYS A 22 20.20 -14.61 -2.55
N SER A 23 21.38 -14.19 -2.14
CA SER A 23 21.75 -14.15 -0.73
C SER A 23 21.65 -12.73 -0.20
N GLY A 24 20.97 -12.57 0.93
CA GLY A 24 20.81 -11.27 1.56
C GLY A 24 21.28 -11.24 3.00
N SER A 25 20.56 -10.51 3.86
CA SER A 25 20.95 -10.39 5.25
C SER A 25 19.72 -10.32 6.14
N ARG A 26 19.97 -10.23 7.45
CA ARG A 26 18.91 -10.19 8.45
C ARG A 26 17.98 -9.00 8.27
N SER A 27 18.41 -7.97 7.55
CA SER A 27 17.71 -6.69 7.55
C SER A 27 16.86 -6.42 6.32
N ASN A 28 17.20 -6.98 5.16
CA ASN A 28 16.47 -6.69 3.94
C ASN A 28 15.74 -7.90 3.40
N ILE A 29 16.45 -9.00 3.15
CA ILE A 29 15.83 -10.15 2.50
C ILE A 29 15.14 -11.06 3.50
N GLY A 30 15.49 -10.97 4.78
CA GLY A 30 14.96 -11.83 5.81
C GLY A 30 13.79 -11.25 6.55
N SER A 31 13.40 -10.01 6.23
CA SER A 31 12.31 -9.37 6.94
C SER A 31 11.40 -8.58 6.01
N ASN A 32 11.44 -8.85 4.70
CA ASN A 32 10.59 -8.15 3.74
C ASN A 32 10.24 -9.12 2.63
N PHE A 33 9.41 -8.65 1.70
CA PHE A 33 9.06 -9.46 0.54
C PHE A 33 10.16 -9.34 -0.50
N VAL A 34 10.35 -10.42 -1.26
CA VAL A 34 11.40 -10.47 -2.26
C VAL A 34 10.76 -10.56 -3.63
N TYR A 35 11.07 -9.61 -4.50
CA TYR A 35 10.56 -9.63 -5.85
C TYR A 35 11.60 -10.24 -6.77
N TRP A 36 11.15 -10.59 -7.97
CA TRP A 36 12.00 -11.23 -8.96
C TRP A 36 11.56 -10.75 -10.33
N PHE A 37 12.44 -10.01 -11.02
CA PHE A 37 12.17 -9.46 -12.33
C PHE A 37 12.96 -10.19 -13.40
N HIS A 38 12.69 -9.80 -14.65
CA HIS A 38 13.27 -10.41 -15.85
C HIS A 38 13.41 -9.36 -16.94
N GLN A 39 14.61 -9.22 -17.49
CA GLN A 39 14.96 -8.08 -18.33
C GLN A 39 15.66 -8.59 -19.59
N LEU A 40 15.09 -8.29 -20.72
CA LEU A 40 15.50 -8.71 -22.05
C LEU A 40 16.29 -7.61 -22.75
N PRO A 41 17.20 -7.96 -23.65
CA PRO A 41 17.99 -6.93 -24.34
C PRO A 41 17.12 -5.91 -25.06
N GLY A 42 17.34 -4.65 -24.73
CA GLY A 42 16.62 -3.55 -25.36
C GLY A 42 15.14 -3.45 -25.02
N THR A 43 14.80 -3.60 -23.75
CA THR A 43 13.40 -3.57 -23.35
C THR A 43 13.34 -3.45 -21.83
N ALA A 44 12.34 -2.71 -21.34
CA ALA A 44 12.16 -2.57 -19.90
C ALA A 44 11.94 -3.94 -19.27
N PRO A 45 12.35 -4.13 -18.02
CA PRO A 45 12.14 -5.42 -17.35
C PRO A 45 10.66 -5.78 -17.25
N LYS A 46 10.35 -6.96 -16.73
CA LYS A 46 8.95 -7.34 -16.57
C LYS A 46 8.83 -8.26 -15.38
N LEU A 47 7.94 -7.89 -14.46
CA LEU A 47 7.76 -8.62 -13.21
C LEU A 47 7.52 -10.11 -13.44
N LEU A 48 8.05 -10.93 -12.54
CA LEU A 48 7.89 -12.36 -12.56
C LEU A 48 7.26 -12.87 -11.27
N ILE A 49 7.73 -12.38 -10.13
CA ILE A 49 7.19 -12.88 -8.86
C ILE A 49 7.29 -11.83 -7.76
N HIS A 50 6.16 -11.53 -7.13
CA HIS A 50 6.11 -10.68 -5.96
C HIS A 50 5.71 -11.51 -4.76
N SER A 51 5.97 -10.97 -3.57
CA SER A 51 5.53 -11.56 -2.31
C SER A 51 6.06 -12.97 -2.12
N ASN A 52 7.17 -13.28 -2.78
CA ASN A 52 7.99 -14.48 -2.62
C ASN A 52 7.33 -15.72 -3.23
N ASP A 53 6.04 -15.66 -3.51
CA ASP A 53 5.40 -16.84 -4.06
C ASP A 53 4.23 -16.56 -5.01
N GLN A 54 3.97 -15.31 -5.38
CA GLN A 54 2.81 -14.99 -6.20
C GLN A 54 3.25 -14.45 -7.55
N ARG A 55 2.48 -14.80 -8.58
CA ARG A 55 2.77 -14.48 -9.96
C ARG A 55 1.75 -13.48 -10.48
N PRO A 56 2.17 -12.38 -11.09
CA PRO A 56 1.20 -11.49 -11.73
C PRO A 56 0.53 -12.19 -12.90
N SER A 57 -0.72 -11.82 -13.14
CA SER A 57 -1.51 -12.45 -14.19
C SER A 57 -0.82 -12.29 -15.54
N GLY A 58 -0.48 -13.43 -16.16
CA GLY A 58 0.18 -13.42 -17.44
C GLY A 58 1.54 -14.08 -17.44
N VAL A 59 1.85 -14.79 -16.36
CA VAL A 59 3.11 -15.50 -16.20
C VAL A 59 2.81 -16.99 -16.20
N PRO A 60 3.55 -17.79 -16.96
CA PRO A 60 3.29 -19.24 -16.96
C PRO A 60 3.53 -19.85 -15.60
N ASP A 61 3.05 -21.08 -15.44
CA ASP A 61 3.12 -21.75 -14.16
C ASP A 61 4.54 -22.15 -13.77
N ARG A 62 5.44 -22.30 -14.75
CA ARG A 62 6.72 -22.93 -14.48
C ARG A 62 7.61 -22.11 -13.56
N PHE A 63 7.31 -20.82 -13.36
CA PHE A 63 8.11 -19.98 -12.48
C PHE A 63 7.62 -20.12 -11.04
N SER A 64 8.55 -20.41 -10.13
CA SER A 64 8.21 -20.54 -8.72
C SER A 64 9.21 -19.77 -7.88
N GLY A 65 8.74 -19.24 -6.76
CA GLY A 65 9.61 -18.50 -5.88
C GLY A 65 9.73 -19.15 -4.52
N SER A 66 10.79 -18.85 -3.79
CA SER A 66 10.95 -19.40 -2.45
C SER A 66 11.81 -18.44 -1.62
N ASN A 67 11.39 -18.20 -0.39
CA ASN A 67 12.17 -17.44 0.57
C ASN A 67 12.43 -18.34 1.77
N SER A 68 13.64 -18.28 2.30
CA SER A 68 13.99 -19.13 3.44
C SER A 68 15.02 -18.39 4.27
N GLY A 69 14.62 -17.95 5.46
CA GLY A 69 15.50 -17.22 6.33
C GLY A 69 16.03 -15.96 5.67
N THR A 70 17.33 -15.95 5.40
CA THR A 70 17.99 -14.82 4.74
C THR A 70 18.49 -15.22 3.36
N SER A 71 17.72 -16.04 2.65
CA SER A 71 18.10 -16.47 1.31
C SER A 71 16.83 -16.57 0.46
N ALA A 72 17.02 -16.49 -0.86
CA ALA A 72 15.91 -16.51 -1.79
C ALA A 72 16.29 -17.32 -3.01
N SER A 73 15.28 -17.93 -3.62
CA SER A 73 15.51 -18.82 -4.75
C SER A 73 14.38 -18.71 -5.73
N LEU A 74 14.73 -18.80 -7.01
CA LEU A 74 13.75 -18.85 -8.10
C LEU A 74 13.94 -20.17 -8.84
N ALA A 75 12.85 -20.90 -9.03
CA ALA A 75 12.90 -22.20 -9.67
C ALA A 75 12.15 -22.12 -10.99
N ILE A 76 12.87 -22.39 -12.08
CA ILE A 76 12.32 -22.37 -13.43
C ILE A 76 12.24 -23.81 -13.92
N SER A 77 11.02 -24.25 -14.23
CA SER A 77 10.78 -25.58 -14.77
C SER A 77 10.52 -25.49 -16.26
N GLY A 78 10.62 -26.63 -16.92
CA GLY A 78 10.39 -26.68 -18.36
C GLY A 78 11.23 -25.68 -19.13
N LEU A 79 12.51 -25.55 -18.78
CA LEU A 79 13.40 -24.59 -19.41
C LEU A 79 13.22 -24.62 -20.92
N ARG A 80 13.13 -23.44 -21.51
CA ARG A 80 12.85 -23.30 -22.93
C ARG A 80 13.82 -22.30 -23.54
N SER A 81 13.68 -22.07 -24.84
CA SER A 81 14.62 -21.22 -25.56
C SER A 81 14.22 -19.75 -25.56
N GLU A 82 13.01 -19.43 -25.14
CA GLU A 82 12.54 -18.05 -25.10
C GLU A 82 12.73 -17.43 -23.73
N ASP A 83 13.69 -17.93 -22.94
CA ASP A 83 13.90 -17.46 -21.58
C ASP A 83 15.32 -16.99 -21.30
N GLU A 84 16.21 -17.00 -22.29
CA GLU A 84 17.58 -16.55 -22.05
C GLU A 84 17.57 -15.03 -21.93
N ALA A 85 17.65 -14.54 -20.69
CA ALA A 85 17.63 -13.12 -20.42
C ALA A 85 18.14 -12.89 -19.01
N ASP A 86 18.14 -11.64 -18.58
CA ASP A 86 18.64 -11.29 -17.26
C ASP A 86 17.55 -11.49 -16.21
N TYR A 87 17.95 -11.96 -15.04
CA TYR A 87 17.03 -12.19 -13.93
C TYR A 87 17.53 -11.42 -12.71
N TYR A 88 16.65 -10.63 -12.12
CA TYR A 88 17.04 -9.70 -11.07
C TYR A 88 16.26 -9.96 -9.80
N CYS A 89 16.92 -9.72 -8.66
CA CYS A 89 16.30 -9.71 -7.35
C CYS A 89 15.83 -8.33 -7.00
N ALA A 90 14.99 -8.23 -5.96
CA ALA A 90 14.62 -6.92 -5.47
C ALA A 90 14.07 -7.03 -4.06
N ALA A 91 14.49 -6.13 -3.18
CA ALA A 91 14.00 -6.18 -1.81
C ALA A 91 14.15 -4.83 -1.15
N TRP A 92 13.26 -4.54 -0.20
CA TRP A 92 13.33 -3.29 0.54
C TRP A 92 14.20 -3.45 1.77
N ASP A 93 15.21 -2.59 1.91
CA ASP A 93 16.19 -2.66 2.98
C ASP A 93 15.87 -1.58 4.01
N ASP A 94 15.43 -2.03 5.19
CA ASP A 94 15.05 -1.13 6.28
C ASP A 94 16.25 -0.36 6.82
N SER A 95 17.42 -1.00 6.87
CA SER A 95 18.59 -0.32 7.41
C SER A 95 19.03 0.82 6.50
N LEU A 96 18.93 0.62 5.20
CA LEU A 96 19.20 1.68 4.24
C LEU A 96 17.95 2.47 3.90
N SER A 97 16.78 1.89 4.19
CA SER A 97 15.49 2.50 3.87
C SER A 97 15.39 2.80 2.38
N SER A 98 15.60 1.76 1.58
CA SER A 98 15.47 1.94 0.14
C SER A 98 15.38 0.57 -0.52
N TRP A 99 14.98 0.56 -1.77
CA TRP A 99 14.96 -0.68 -2.53
C TRP A 99 16.37 -1.01 -3.01
N VAL A 100 16.73 -2.28 -2.91
CA VAL A 100 18.04 -2.75 -3.36
C VAL A 100 17.83 -3.90 -4.33
N PHE A 101 18.78 -4.05 -5.25
CA PHE A 101 18.72 -5.03 -6.31
C PHE A 101 20.00 -5.85 -6.33
N GLY A 102 20.00 -6.91 -7.13
CA GLY A 102 21.13 -7.78 -7.29
C GLY A 102 21.89 -7.52 -8.57
N GLY A 103 22.86 -8.39 -8.84
CA GLY A 103 23.67 -8.24 -10.02
C GLY A 103 23.01 -8.72 -11.29
N GLY A 104 22.49 -9.96 -11.26
CA GLY A 104 21.85 -10.53 -12.43
C GLY A 104 22.52 -11.79 -12.91
N THR A 105 21.74 -12.69 -13.51
CA THR A 105 22.24 -13.98 -13.99
C THR A 105 21.89 -14.13 -15.46
N LYS A 106 22.77 -14.78 -16.21
CA LYS A 106 22.60 -14.82 -17.67
C LYS A 106 21.56 -15.85 -18.10
N LEU A 107 21.74 -17.12 -17.71
CA LEU A 107 20.81 -18.20 -18.04
C LEU A 107 20.63 -18.32 -19.57
N THR A 108 21.69 -18.76 -20.22
CA THR A 108 21.66 -19.06 -21.65
C THR A 108 21.52 -20.56 -21.84
N VAL A 109 20.43 -20.98 -22.47
CA VAL A 109 20.20 -22.41 -22.69
C VAL A 109 21.16 -22.93 -23.75
N LEU A 110 21.43 -24.23 -23.69
CA LEU A 110 22.36 -24.85 -24.62
C LEU A 110 21.65 -25.71 -25.62
N ILE B 2 -3.39 0.02 -19.03
CA ILE B 2 -2.53 0.91 -18.27
C ILE B 2 -1.25 1.18 -19.05
N THR B 3 -0.95 2.46 -19.27
CA THR B 3 0.18 2.86 -20.08
C THR B 3 0.88 4.03 -19.42
N LEU B 4 2.20 4.08 -19.59
CA LEU B 4 3.01 5.18 -19.12
C LEU B 4 3.96 5.62 -20.23
N LYS B 5 4.36 6.88 -20.21
CA LYS B 5 5.28 7.39 -21.21
C LYS B 5 6.04 8.57 -20.64
N GLU B 6 7.35 8.57 -20.78
CA GLU B 6 8.19 9.65 -20.27
C GLU B 6 8.54 10.64 -21.37
N SER B 7 8.92 11.84 -20.96
CA SER B 7 9.27 12.88 -21.93
C SER B 7 10.02 14.01 -21.23
N GLY B 8 10.78 14.74 -22.01
CA GLY B 8 11.60 15.84 -21.52
C GLY B 8 12.79 16.02 -22.43
N LEU B 9 13.81 16.70 -21.92
CA LEU B 9 15.06 16.84 -22.64
C LEU B 9 15.97 15.67 -22.29
N THR B 10 16.50 15.01 -23.31
CA THR B 10 17.34 13.84 -23.10
C THR B 10 18.82 14.15 -23.00
N LEU B 11 19.24 15.35 -23.40
CA LEU B 11 20.66 15.71 -23.40
C LEU B 11 20.83 17.02 -22.67
N VAL B 12 21.78 17.05 -21.73
CA VAL B 12 22.05 18.25 -20.96
C VAL B 12 23.50 18.23 -20.49
N ARG B 13 24.10 19.42 -20.41
CA ARG B 13 25.47 19.57 -19.99
C ARG B 13 25.59 19.31 -18.50
N PRO B 14 26.80 19.14 -17.98
CA PRO B 14 26.94 19.01 -16.53
C PRO B 14 26.60 20.31 -15.82
N THR B 15 26.36 20.19 -14.53
CA THR B 15 26.01 21.30 -13.65
C THR B 15 24.69 21.94 -14.02
N GLN B 16 23.87 21.25 -14.80
CA GLN B 16 22.54 21.69 -15.16
C GLN B 16 21.56 20.74 -14.48
N THR B 17 20.28 20.94 -14.71
CA THR B 17 19.27 20.15 -14.04
C THR B 17 18.51 19.30 -15.04
N LEU B 18 18.14 18.09 -14.62
CA LEU B 18 17.34 17.17 -15.41
C LEU B 18 15.88 17.27 -15.00
N THR B 19 14.99 17.34 -15.98
CA THR B 19 13.55 17.30 -15.77
C THR B 19 12.94 16.19 -16.60
N LEU B 20 11.99 15.46 -16.01
CA LEU B 20 11.32 14.38 -16.72
C LEU B 20 9.85 14.40 -16.34
N THR B 21 9.01 13.95 -17.28
CA THR B 21 7.56 14.00 -17.10
C THR B 21 6.97 12.67 -17.53
N CYS B 22 6.37 11.96 -16.59
CA CYS B 22 5.69 10.70 -16.84
C CYS B 22 4.20 10.98 -16.99
N THR B 23 3.68 10.82 -18.21
CA THR B 23 2.27 10.92 -18.52
C THR B 23 1.70 9.53 -18.62
N PHE B 24 0.59 9.27 -17.93
CA PHE B 24 0.05 7.93 -17.86
C PHE B 24 -1.41 7.92 -18.29
N SER B 25 -1.96 6.72 -18.37
CA SER B 25 -3.34 6.52 -18.81
C SER B 25 -3.82 5.17 -18.29
N GLY B 26 -4.98 5.17 -17.65
CA GLY B 26 -5.60 3.94 -17.18
C GLY B 26 -5.76 3.86 -15.68
N PHE B 27 -5.28 4.84 -14.93
CA PHE B 27 -5.44 4.88 -13.48
C PHE B 27 -5.26 6.33 -13.04
N SER B 28 -5.73 6.62 -11.84
CA SER B 28 -5.74 7.98 -11.34
C SER B 28 -5.10 8.04 -9.97
N LEU B 29 -4.29 9.07 -9.73
CA LEU B 29 -3.66 9.22 -8.43
C LEU B 29 -4.60 9.94 -7.47
N ILE B 30 -5.85 9.47 -7.40
CA ILE B 30 -6.75 9.87 -6.33
C ILE B 30 -7.32 8.68 -5.59
N ASN B 31 -7.19 7.46 -6.13
CA ASN B 31 -7.65 6.26 -5.48
C ASN B 31 -6.67 5.81 -4.41
N SER B 32 -7.13 4.88 -3.57
CA SER B 32 -6.25 4.27 -2.59
C SER B 32 -5.35 3.24 -3.25
N GLY B 33 -4.14 3.08 -2.70
CA GLY B 33 -3.18 2.18 -3.29
C GLY B 33 -2.26 2.88 -4.27
N VAL B 34 -2.83 3.38 -5.37
CA VAL B 34 -2.06 3.80 -6.53
C VAL B 34 -0.89 4.69 -6.14
N GLY B 35 0.26 4.45 -6.77
CA GLY B 35 1.42 5.30 -6.58
C GLY B 35 2.32 5.21 -7.79
N VAL B 36 3.25 6.15 -7.90
CA VAL B 36 4.14 6.21 -9.06
C VAL B 36 5.57 6.44 -8.61
N GLY B 37 6.51 5.73 -9.22
CA GLY B 37 7.91 5.85 -8.87
C GLY B 37 8.79 5.94 -10.10
N TRP B 38 10.09 6.16 -9.84
CA TRP B 38 11.08 6.29 -10.90
C TRP B 38 12.27 5.39 -10.62
N ILE B 39 12.81 4.78 -11.68
CA ILE B 39 13.92 3.85 -11.57
C ILE B 39 14.87 4.07 -12.74
N ARG B 40 16.14 4.28 -12.45
CA ARG B 40 17.13 4.48 -13.49
C ARG B 40 18.05 3.28 -13.60
N GLN B 41 18.64 3.12 -14.78
CA GLN B 41 19.57 2.03 -15.04
C GLN B 41 20.66 2.49 -15.98
N PRO B 42 21.91 2.47 -15.53
CA PRO B 42 23.03 2.85 -16.40
C PRO B 42 23.18 1.89 -17.55
N PRO B 43 23.98 2.21 -18.55
CA PRO B 43 24.18 1.27 -19.67
C PRO B 43 25.08 0.11 -19.29
N GLY B 44 24.50 -1.07 -19.10
CA GLY B 44 25.27 -2.24 -18.73
C GLY B 44 25.49 -2.44 -17.25
N LYS B 45 24.67 -1.83 -16.40
CA LYS B 45 24.80 -1.95 -14.96
C LYS B 45 23.49 -2.49 -14.37
N ALA B 46 23.41 -2.52 -13.06
CA ALA B 46 22.21 -2.99 -12.38
C ALA B 46 21.23 -1.85 -12.17
N LEU B 47 20.00 -2.20 -11.83
CA LEU B 47 18.96 -1.21 -11.66
C LEU B 47 19.23 -0.36 -10.42
N GLU B 48 18.53 0.77 -10.33
CA GLU B 48 18.67 1.70 -9.22
C GLU B 48 17.36 2.42 -9.01
N TRP B 49 16.95 2.54 -7.75
CA TRP B 49 15.68 3.16 -7.40
C TRP B 49 15.89 4.61 -7.03
N LEU B 50 15.05 5.50 -7.58
CA LEU B 50 15.21 6.93 -7.39
C LEU B 50 14.22 7.52 -6.38
N ALA B 51 12.92 7.38 -6.62
CA ALA B 51 11.94 8.06 -5.79
C ALA B 51 10.56 7.45 -6.02
N LEU B 52 9.62 7.83 -5.15
CA LEU B 52 8.29 7.24 -5.13
C LEU B 52 7.32 8.25 -4.53
N ILE B 53 6.08 8.24 -5.03
CA ILE B 53 5.06 9.15 -4.52
C ILE B 53 3.69 8.50 -4.53
N TYR B 54 3.20 8.18 -3.33
CA TYR B 54 1.95 7.50 -3.11
C TYR B 54 0.77 8.42 -3.47
N TRP B 55 -0.44 7.89 -3.28
CA TRP B 55 -1.63 8.66 -3.62
C TRP B 55 -1.93 9.76 -2.61
N ASP B 56 -1.53 9.59 -1.35
CA ASP B 56 -1.69 10.63 -0.34
C ASP B 56 -0.49 11.57 -0.23
N ASP B 57 0.34 11.62 -1.27
CA ASP B 57 1.54 12.45 -1.33
C ASP B 57 2.52 12.10 -0.21
N ASP B 58 3.13 10.93 -0.36
CA ASP B 58 4.18 10.46 0.54
C ASP B 58 5.42 10.35 -0.35
N LYS B 59 6.27 11.36 -0.31
CA LYS B 59 7.42 11.44 -1.22
C LYS B 59 8.64 10.69 -0.68
N ARG B 60 8.64 9.37 -0.85
CA ARG B 60 9.83 8.61 -0.47
C ARG B 60 10.96 8.85 -1.47
N TYR B 61 12.19 8.93 -0.95
CA TYR B 61 13.37 9.18 -1.76
C TYR B 61 14.44 8.13 -1.50
N ASN B 62 15.31 7.97 -2.48
CA ASN B 62 16.53 7.18 -2.28
C ASN B 62 17.47 7.98 -1.39
N PRO B 63 17.80 7.49 -0.19
CA PRO B 63 18.59 8.33 0.73
C PRO B 63 19.89 8.87 0.15
N SER B 64 20.72 8.00 -0.43
CA SER B 64 21.98 8.43 -1.00
C SER B 64 21.80 9.46 -2.10
N LEU B 65 20.63 9.49 -2.75
CA LEU B 65 20.33 10.46 -3.79
C LEU B 65 19.37 11.54 -3.32
N ARG B 66 19.01 11.55 -2.04
CA ARG B 66 18.25 12.65 -1.48
C ARG B 66 19.11 13.91 -1.50
N SER B 67 18.49 15.05 -1.19
CA SER B 67 19.11 16.37 -1.22
C SER B 67 19.46 16.78 -2.62
N ARG B 68 19.01 16.02 -3.61
CA ARG B 68 19.24 16.29 -5.02
C ARG B 68 17.98 16.13 -5.85
N LEU B 69 16.99 15.40 -5.37
CA LEU B 69 15.83 14.97 -6.14
C LEU B 69 14.57 15.65 -5.61
N THR B 70 13.65 15.94 -6.53
CA THR B 70 12.32 16.46 -6.18
C THR B 70 11.31 15.86 -7.13
N ILE B 71 10.35 15.13 -6.58
CA ILE B 71 9.26 14.55 -7.35
C ILE B 71 7.95 15.21 -6.92
N SER B 72 7.10 15.50 -7.91
CA SER B 72 5.85 16.19 -7.63
C SER B 72 4.81 15.70 -8.62
N LYS B 73 3.54 15.89 -8.28
CA LYS B 73 2.46 15.44 -9.13
C LYS B 73 1.60 16.60 -9.58
N ALA B 74 1.03 16.46 -10.77
CA ALA B 74 -0.01 17.33 -11.30
C ALA B 74 -1.16 16.40 -11.64
N THR B 75 -2.00 16.13 -10.64
CA THR B 75 -3.05 15.11 -10.79
C THR B 75 -4.10 15.55 -11.80
N SER B 76 -4.36 16.86 -11.86
CA SER B 76 -5.34 17.38 -12.82
C SER B 76 -4.97 16.96 -14.24
N LYS B 77 -3.69 16.98 -14.55
CA LYS B 77 -3.20 16.60 -15.86
C LYS B 77 -2.80 15.14 -15.91
N ASN B 78 -2.96 14.41 -14.81
CA ASN B 78 -2.57 13.01 -14.73
C ASN B 78 -1.11 12.83 -15.13
N GLN B 79 -0.23 13.60 -14.49
CA GLN B 79 1.18 13.48 -14.85
C GLN B 79 2.04 13.73 -13.64
N VAL B 80 3.24 13.16 -13.67
CA VAL B 80 4.20 13.30 -12.57
C VAL B 80 5.47 13.92 -13.14
N VAL B 81 6.12 14.77 -12.35
CA VAL B 81 7.34 15.45 -12.76
C VAL B 81 8.45 15.08 -11.79
N LEU B 82 9.60 14.73 -12.33
CA LEU B 82 10.81 14.45 -11.57
C LEU B 82 11.87 15.48 -11.94
N THR B 83 12.66 15.91 -10.97
CA THR B 83 13.71 16.88 -11.22
C THR B 83 14.94 16.53 -10.38
N MET B 84 16.11 16.56 -11.01
CA MET B 84 17.36 16.23 -10.34
C MET B 84 18.44 17.22 -10.75
N THR B 85 18.99 17.93 -9.78
CA THR B 85 19.98 18.96 -10.06
C THR B 85 21.39 18.39 -10.04
N ASN B 86 22.32 19.16 -10.59
CA ASN B 86 23.74 18.83 -10.58
C ASN B 86 24.02 17.50 -11.27
N MET B 87 23.68 17.44 -12.55
CA MET B 87 23.91 16.20 -13.28
C MET B 87 25.39 16.03 -13.60
N ASP B 88 25.78 14.78 -13.84
CA ASP B 88 27.18 14.41 -14.08
C ASP B 88 27.28 13.32 -15.14
N PRO B 89 28.47 13.07 -15.70
CA PRO B 89 28.57 12.04 -16.76
C PRO B 89 28.28 10.63 -16.27
N VAL B 90 28.33 10.38 -14.95
CA VAL B 90 28.00 9.05 -14.46
C VAL B 90 26.50 8.79 -14.47
N ASP B 91 25.70 9.84 -14.64
CA ASP B 91 24.24 9.76 -14.62
C ASP B 91 23.65 9.48 -15.99
N THR B 92 24.46 9.20 -16.99
CA THR B 92 23.95 8.73 -18.25
C THR B 92 23.30 7.37 -18.05
N ALA B 93 22.01 7.27 -18.34
CA ALA B 93 21.26 6.05 -18.05
C ALA B 93 19.92 6.11 -18.78
N THR B 94 19.11 5.09 -18.57
CA THR B 94 17.71 5.07 -18.99
C THR B 94 16.82 5.20 -17.76
N TYR B 95 15.79 6.03 -17.87
CA TYR B 95 14.91 6.33 -16.74
C TYR B 95 13.50 5.83 -17.05
N TYR B 96 13.01 4.89 -16.23
CA TYR B 96 11.66 4.37 -16.34
C TYR B 96 10.78 4.96 -15.24
N CYS B 97 9.53 5.24 -15.59
CA CYS B 97 8.50 5.56 -14.59
C CYS B 97 7.56 4.38 -14.44
N THR B 98 7.36 3.93 -13.20
CA THR B 98 6.65 2.69 -12.88
C THR B 98 5.49 2.94 -11.93
N HIS B 99 4.62 1.94 -11.84
CA HIS B 99 3.30 2.02 -11.23
C HIS B 99 3.10 0.99 -10.15
N ARG B 100 2.47 1.38 -9.04
CA ARG B 100 2.21 0.47 -7.93
C ARG B 100 0.73 0.52 -7.59
N GLY B 101 0.03 -0.57 -7.87
CA GLY B 101 -1.38 -0.66 -7.58
C GLY B 101 -1.65 -1.82 -6.67
N PRO B 102 -2.92 -2.18 -6.50
CA PRO B 102 -3.28 -3.26 -5.58
C PRO B 102 -3.25 -4.62 -6.28
N GLY B 103 -3.13 -5.65 -5.46
CA GLY B 103 -3.03 -7.02 -5.95
C GLY B 103 -4.24 -7.80 -5.50
N HIS B 104 -4.03 -8.94 -4.85
CA HIS B 104 -5.16 -9.68 -4.30
C HIS B 104 -5.02 -9.94 -2.82
N ASN B 105 -3.85 -9.83 -2.26
CA ASN B 105 -3.71 -9.91 -0.81
C ASN B 105 -2.55 -9.06 -0.30
N THR B 106 -1.86 -8.31 -1.17
CA THR B 106 -0.68 -7.51 -0.85
C THR B 106 -0.45 -6.53 -1.99
N PRO B 107 0.05 -5.34 -1.71
CA PRO B 107 0.26 -4.34 -2.76
C PRO B 107 1.26 -4.82 -3.81
N ILE B 108 0.99 -4.51 -5.06
CA ILE B 108 1.89 -4.82 -6.17
C ILE B 108 2.81 -3.62 -6.40
N TYR B 109 4.04 -3.88 -6.81
CA TYR B 109 5.03 -2.85 -7.05
C TYR B 109 5.73 -3.13 -8.37
N PHE B 110 5.80 -2.11 -9.24
CA PHE B 110 6.52 -2.19 -10.51
C PHE B 110 5.88 -3.18 -11.47
N GLU B 111 4.57 -3.38 -11.34
CA GLU B 111 3.85 -4.29 -12.24
C GLU B 111 3.91 -3.81 -13.68
N PHE B 112 3.80 -2.50 -13.89
CA PHE B 112 3.85 -1.91 -15.23
C PHE B 112 4.98 -0.91 -15.32
N TRP B 113 5.68 -0.92 -16.45
CA TRP B 113 6.81 -0.04 -16.68
C TRP B 113 6.51 0.86 -17.88
N GLY B 114 7.29 1.94 -17.98
CA GLY B 114 7.24 2.78 -19.15
C GLY B 114 7.99 2.14 -20.29
N GLN B 115 8.57 2.97 -21.15
CA GLN B 115 9.44 2.48 -22.21
C GLN B 115 10.81 3.14 -22.16
N GLY B 116 11.12 3.90 -21.13
CA GLY B 116 12.44 4.44 -20.95
C GLY B 116 12.66 5.73 -21.72
N ALA B 117 13.70 6.44 -21.32
CA ALA B 117 14.09 7.67 -22.02
C ALA B 117 15.60 7.84 -21.81
N LEU B 118 16.37 7.43 -22.80
CA LEU B 118 17.82 7.46 -22.68
C LEU B 118 18.31 8.89 -22.49
N VAL B 119 19.02 9.12 -21.39
CA VAL B 119 19.48 10.44 -20.99
C VAL B 119 21.00 10.44 -21.01
N THR B 120 21.59 11.32 -21.81
CA THR B 120 23.03 11.45 -21.87
C THR B 120 23.47 12.78 -21.26
N VAL B 121 24.50 12.75 -20.44
CA VAL B 121 25.05 13.94 -19.79
C VAL B 121 26.48 14.08 -20.28
N SER B 122 26.73 15.02 -21.19
CA SER B 122 28.04 15.19 -21.78
C SER B 122 28.15 16.59 -22.36
N SER B 123 29.17 16.80 -23.18
CA SER B 123 29.34 18.06 -23.90
C SER B 123 29.64 17.81 -25.38
N ASN C 334 -35.97 5.52 -5.65
CA ASN C 334 -34.64 6.12 -5.69
C ASN C 334 -33.69 5.45 -4.71
N LEU C 335 -32.53 5.02 -5.20
CA LEU C 335 -31.55 4.36 -4.35
C LEU C 335 -30.70 5.40 -3.61
N CYS C 336 -29.99 4.93 -2.59
CA CYS C 336 -29.19 5.76 -1.72
C CYS C 336 -27.74 5.29 -1.69
N PRO C 337 -26.80 6.15 -1.27
CA PRO C 337 -25.38 5.82 -1.43
C PRO C 337 -24.87 4.75 -0.48
N PHE C 338 -25.08 3.50 -0.82
CA PHE C 338 -24.29 2.43 -0.23
C PHE C 338 -23.01 2.20 -1.00
N ASP C 339 -23.02 2.47 -2.31
CA ASP C 339 -21.83 2.38 -3.13
C ASP C 339 -20.85 3.51 -2.87
N GLU C 340 -21.21 4.50 -2.06
CA GLU C 340 -20.29 5.57 -1.72
C GLU C 340 -19.67 5.39 -0.34
N VAL C 341 -20.38 4.77 0.60
CA VAL C 341 -19.81 4.54 1.92
C VAL C 341 -18.97 3.27 1.94
N PHE C 342 -19.27 2.31 1.07
CA PHE C 342 -18.46 1.11 0.97
C PHE C 342 -17.32 1.24 -0.02
N ASN C 343 -17.50 2.04 -1.07
CA ASN C 343 -16.48 2.27 -2.08
C ASN C 343 -15.90 3.66 -1.98
N ALA C 344 -15.83 4.19 -0.77
CA ALA C 344 -15.30 5.53 -0.56
C ALA C 344 -13.88 5.63 -1.09
N THR C 345 -13.49 6.84 -1.47
CA THR C 345 -12.17 7.05 -2.04
C THR C 345 -11.06 6.88 -1.01
N ARG C 346 -11.15 7.59 0.12
CA ARG C 346 -10.10 7.49 1.15
C ARG C 346 -10.74 7.40 2.52
N PHE C 347 -10.65 6.25 3.17
CA PHE C 347 -11.22 6.09 4.50
C PHE C 347 -10.52 6.98 5.51
N ALA C 348 -11.12 7.09 6.69
CA ALA C 348 -10.65 7.93 7.76
C ALA C 348 -9.96 7.11 8.85
N SER C 349 -9.15 7.80 9.65
CA SER C 349 -8.54 7.16 10.81
C SER C 349 -9.53 7.12 11.97
N VAL C 350 -9.29 6.19 12.89
CA VAL C 350 -10.31 5.86 13.88
C VAL C 350 -10.58 7.00 14.83
N TYR C 351 -9.58 7.83 15.14
CA TYR C 351 -9.81 8.93 16.07
C TYR C 351 -10.60 10.08 15.45
N ALA C 352 -10.81 10.06 14.14
CA ALA C 352 -11.58 11.09 13.45
C ALA C 352 -12.55 10.45 12.47
N TRP C 353 -13.29 9.46 12.96
CA TRP C 353 -14.20 8.68 12.12
C TRP C 353 -15.22 9.61 11.46
N ASN C 354 -15.91 9.07 10.46
CA ASN C 354 -16.71 9.88 9.55
C ASN C 354 -18.15 9.38 9.57
N ARG C 355 -19.05 10.19 10.12
CA ARG C 355 -20.47 9.87 10.15
C ARG C 355 -21.14 10.31 8.85
N LYS C 356 -22.23 9.63 8.52
CA LYS C 356 -23.06 9.99 7.37
C LYS C 356 -24.48 9.54 7.62
N ARG C 357 -25.44 10.30 7.11
CA ARG C 357 -26.85 9.94 7.24
C ARG C 357 -27.38 9.41 5.93
N ILE C 358 -28.32 8.47 6.04
CA ILE C 358 -28.94 7.83 4.89
C ILE C 358 -30.42 7.78 5.17
N SER C 359 -31.21 8.56 4.44
CA SER C 359 -32.66 8.52 4.56
C SER C 359 -33.28 8.88 3.23
N ASN C 360 -34.57 8.56 3.10
CA ASN C 360 -35.35 8.86 1.90
C ASN C 360 -34.76 8.18 0.67
N CYS C 361 -34.71 6.85 0.74
CA CYS C 361 -34.32 6.03 -0.38
C CYS C 361 -35.01 4.69 -0.25
N VAL C 362 -34.89 3.87 -1.28
CA VAL C 362 -35.36 2.48 -1.24
C VAL C 362 -34.11 1.61 -1.00
N ALA C 363 -33.83 1.34 0.27
CA ALA C 363 -32.59 0.68 0.65
C ALA C 363 -32.57 -0.76 0.16
N ASP C 364 -31.48 -1.16 -0.47
CA ASP C 364 -31.27 -2.55 -0.91
C ASP C 364 -29.98 -3.06 -0.30
N TYR C 365 -30.09 -4.03 0.61
CA TYR C 365 -28.94 -4.60 1.28
C TYR C 365 -28.33 -5.77 0.54
N SER C 366 -28.72 -6.01 -0.70
CA SER C 366 -28.21 -7.15 -1.45
C SER C 366 -26.99 -6.80 -2.29
N VAL C 367 -26.50 -5.57 -2.21
CA VAL C 367 -25.27 -5.19 -2.90
C VAL C 367 -24.05 -5.44 -2.02
N LEU C 368 -24.22 -5.48 -0.70
CA LEU C 368 -23.08 -5.60 0.21
C LEU C 368 -22.36 -6.93 0.03
N TYR C 369 -23.12 -8.02 -0.12
CA TYR C 369 -22.51 -9.34 -0.17
C TYR C 369 -21.48 -9.47 -1.30
N ASN C 370 -21.70 -8.78 -2.41
CA ASN C 370 -20.77 -8.88 -3.54
C ASN C 370 -19.49 -8.07 -3.31
N PHE C 371 -19.29 -7.50 -2.12
CA PHE C 371 -18.11 -6.66 -1.92
C PHE C 371 -16.88 -7.50 -1.60
N ALA C 372 -16.90 -8.24 -0.51
CA ALA C 372 -15.71 -8.89 -0.01
C ALA C 372 -16.12 -10.14 0.75
N PRO C 373 -15.16 -11.03 1.07
CA PRO C 373 -15.48 -12.17 1.93
C PRO C 373 -15.91 -11.78 3.34
N PHE C 374 -15.80 -10.50 3.72
CA PHE C 374 -16.41 -9.98 4.94
C PHE C 374 -15.93 -10.72 6.19
N PHE C 375 -14.66 -10.51 6.51
CA PHE C 375 -14.06 -11.16 7.66
C PHE C 375 -14.90 -11.01 8.92
N ALA C 376 -15.71 -9.96 9.02
CA ALA C 376 -16.58 -9.72 10.16
C ALA C 376 -17.91 -9.20 9.64
N PHE C 377 -19.00 -9.93 9.89
CA PHE C 377 -20.31 -9.46 9.49
C PHE C 377 -21.30 -9.98 10.53
N LYS C 378 -21.69 -9.12 11.47
CA LYS C 378 -22.57 -9.54 12.53
C LYS C 378 -23.57 -8.43 12.81
N CYS C 379 -24.75 -8.82 13.29
CA CYS C 379 -25.85 -7.90 13.48
C CYS C 379 -26.45 -8.09 14.87
N TYR C 380 -26.75 -6.96 15.53
CA TYR C 380 -27.36 -6.96 16.85
C TYR C 380 -28.80 -6.49 16.71
N GLY C 381 -29.74 -7.33 17.15
CA GLY C 381 -31.14 -6.98 17.11
C GLY C 381 -31.84 -7.27 15.81
N VAL C 382 -31.14 -7.80 14.82
CA VAL C 382 -31.73 -8.04 13.50
C VAL C 382 -30.89 -9.10 12.80
N SER C 383 -31.48 -9.78 11.86
CA SER C 383 -30.74 -10.74 11.08
C SER C 383 -30.40 -10.17 9.71
N PRO C 384 -29.29 -10.60 9.10
CA PRO C 384 -28.91 -10.02 7.81
C PRO C 384 -29.81 -10.45 6.67
N THR C 385 -30.38 -11.67 6.72
CA THR C 385 -31.22 -12.13 5.63
C THR C 385 -32.60 -11.48 5.68
N LYS C 386 -33.11 -11.20 6.87
CA LYS C 386 -34.40 -10.52 7.03
C LYS C 386 -34.24 -9.02 6.99
N LEU C 387 -33.16 -8.52 6.38
CA LEU C 387 -32.88 -7.10 6.35
C LEU C 387 -33.59 -6.38 5.21
N ASN C 388 -33.82 -7.08 4.10
CA ASN C 388 -34.31 -6.44 2.89
C ASN C 388 -35.81 -6.21 2.90
N ASP C 389 -36.51 -6.57 3.96
CA ASP C 389 -37.95 -6.40 4.02
C ASP C 389 -38.43 -5.47 5.13
N LEU C 390 -37.53 -4.99 6.00
CA LEU C 390 -37.92 -4.13 7.10
C LEU C 390 -37.75 -2.66 6.74
N CYS C 391 -38.41 -1.80 7.52
CA CYS C 391 -38.35 -0.35 7.34
C CYS C 391 -37.78 0.29 8.59
N PHE C 392 -36.90 1.29 8.40
CA PHE C 392 -36.20 1.93 9.49
C PHE C 392 -36.46 3.43 9.50
N THR C 393 -36.19 4.06 10.65
CA THR C 393 -36.41 5.50 10.76
C THR C 393 -35.26 6.28 10.15
N ASN C 394 -34.08 6.20 10.74
CA ASN C 394 -32.92 6.93 10.26
C ASN C 394 -31.68 6.04 10.39
N VAL C 395 -30.87 6.01 9.35
CA VAL C 395 -29.74 5.09 9.25
C VAL C 395 -28.46 5.90 9.17
N TYR C 396 -27.59 5.74 10.15
CA TYR C 396 -26.27 6.33 10.16
C TYR C 396 -25.24 5.32 9.68
N ALA C 397 -24.16 5.82 9.09
CA ALA C 397 -23.08 4.96 8.61
C ALA C 397 -21.77 5.56 9.05
N ASP C 398 -20.98 4.79 9.81
CA ASP C 398 -19.73 5.27 10.39
C ASP C 398 -18.59 4.41 9.89
N SER C 399 -17.64 5.02 9.20
CA SER C 399 -16.56 4.31 8.55
C SER C 399 -15.21 4.78 9.08
N PHE C 400 -14.29 3.84 9.29
CA PHE C 400 -12.94 4.16 9.73
C PHE C 400 -12.07 2.92 9.51
N VAL C 401 -10.83 2.98 9.99
CA VAL C 401 -9.83 1.95 9.74
C VAL C 401 -9.09 1.66 11.05
N ILE C 402 -8.98 0.38 11.40
CA ILE C 402 -8.34 -0.06 12.63
C ILE C 402 -7.44 -1.24 12.32
N ARG C 403 -6.83 -1.80 13.35
CA ARG C 403 -5.91 -2.92 13.20
C ARG C 403 -6.68 -4.22 13.08
N GLY C 404 -5.96 -5.33 13.01
CA GLY C 404 -6.57 -6.62 12.83
C GLY C 404 -7.14 -7.21 14.11
N ASN C 405 -6.33 -7.28 15.16
CA ASN C 405 -6.74 -7.91 16.40
C ASN C 405 -7.58 -7.00 17.28
N GLU C 406 -8.08 -5.89 16.75
CA GLU C 406 -8.91 -4.96 17.51
C GLU C 406 -10.33 -4.90 17.02
N VAL C 407 -10.66 -5.61 15.93
CA VAL C 407 -12.02 -5.62 15.43
C VAL C 407 -12.99 -6.16 16.48
N SER C 408 -12.51 -7.02 17.37
CA SER C 408 -13.37 -7.58 18.40
C SER C 408 -13.86 -6.52 19.39
N GLN C 409 -13.21 -5.37 19.45
CA GLN C 409 -13.61 -4.33 20.39
C GLN C 409 -14.82 -3.54 19.90
N ILE C 410 -15.17 -3.65 18.63
CA ILE C 410 -16.31 -2.89 18.08
C ILE C 410 -17.54 -3.74 18.34
N ALA C 411 -18.08 -3.61 19.54
CA ALA C 411 -19.25 -4.34 19.99
C ALA C 411 -19.74 -3.70 21.28
N PRO C 412 -21.03 -3.81 21.58
CA PRO C 412 -21.54 -3.17 22.80
C PRO C 412 -20.89 -3.75 24.06
N GLY C 413 -20.57 -2.85 24.98
CA GLY C 413 -20.12 -3.25 26.30
C GLY C 413 -18.79 -3.95 26.37
N GLN C 414 -17.97 -3.84 25.34
CA GLN C 414 -16.63 -4.43 25.35
C GLN C 414 -15.62 -3.33 25.66
N THR C 415 -14.85 -3.53 26.73
CA THR C 415 -13.84 -2.57 27.15
C THR C 415 -12.48 -2.94 26.58
N GLY C 416 -11.83 -1.96 25.97
CA GLY C 416 -10.52 -2.17 25.35
C GLY C 416 -9.76 -0.89 25.33
N ASN C 417 -9.08 -0.62 24.22
CA ASN C 417 -8.34 0.63 24.07
C ASN C 417 -8.88 1.54 22.99
N ILE C 418 -9.37 1.01 21.87
CA ILE C 418 -10.01 1.88 20.89
C ILE C 418 -11.49 2.02 21.19
N ALA C 419 -12.08 1.06 21.89
CA ALA C 419 -13.45 1.18 22.35
C ALA C 419 -13.53 1.94 23.65
N ASP C 420 -12.46 2.65 24.00
CA ASP C 420 -12.34 3.32 25.28
C ASP C 420 -11.98 4.78 25.09
N TYR C 421 -11.19 5.07 24.06
CA TYR C 421 -10.59 6.38 23.89
C TYR C 421 -10.99 7.09 22.62
N ASN C 422 -11.37 6.39 21.56
CA ASN C 422 -11.70 7.09 20.32
C ASN C 422 -12.88 6.53 19.55
N TYR C 423 -13.59 5.51 20.03
CA TYR C 423 -14.88 5.15 19.44
C TYR C 423 -15.61 4.23 20.40
N LYS C 424 -16.76 4.67 20.90
CA LYS C 424 -17.55 3.87 21.82
C LYS C 424 -19.00 3.86 21.35
N LEU C 425 -19.60 2.68 21.30
CA LEU C 425 -20.99 2.56 20.90
C LEU C 425 -21.82 1.98 22.06
N PRO C 426 -23.08 2.35 22.18
CA PRO C 426 -23.81 2.11 23.43
C PRO C 426 -24.01 0.63 23.68
N ASP C 427 -24.42 0.32 24.91
CA ASP C 427 -24.78 -1.05 25.27
C ASP C 427 -26.17 -1.43 24.80
N ASP C 428 -26.96 -0.48 24.34
CA ASP C 428 -28.30 -0.71 23.79
C ASP C 428 -28.29 -0.63 22.28
N PHE C 429 -27.24 -1.14 21.64
CA PHE C 429 -27.05 -0.97 20.21
C PHE C 429 -28.05 -1.81 19.42
N THR C 430 -28.39 -1.31 18.22
CA THR C 430 -29.22 -2.05 17.28
C THR C 430 -28.77 -1.71 15.87
N GLY C 431 -28.21 -2.67 15.17
CA GLY C 431 -27.63 -2.42 13.87
C GLY C 431 -26.71 -3.57 13.46
N CYS C 432 -25.70 -3.23 12.67
CA CYS C 432 -24.78 -4.22 12.14
C CYS C 432 -23.39 -3.61 12.03
N VAL C 433 -22.38 -4.47 12.04
CA VAL C 433 -21.00 -4.07 11.80
C VAL C 433 -20.45 -4.91 10.66
N ILE C 434 -19.58 -4.31 9.86
CA ILE C 434 -19.03 -4.96 8.67
C ILE C 434 -17.56 -4.58 8.55
N ALA C 435 -16.69 -5.58 8.61
CA ALA C 435 -15.25 -5.36 8.54
C ALA C 435 -14.63 -6.33 7.55
N TRP C 436 -13.76 -5.82 6.68
CA TRP C 436 -13.08 -6.66 5.72
C TRP C 436 -11.62 -6.24 5.63
N ASN C 437 -10.75 -7.21 5.34
CA ASN C 437 -9.32 -6.97 5.30
C ASN C 437 -8.94 -6.14 4.08
N SER C 438 -8.14 -5.10 4.31
CA SER C 438 -7.71 -4.21 3.24
C SER C 438 -6.22 -3.97 3.32
N ASN C 439 -5.44 -5.02 3.58
CA ASN C 439 -3.99 -4.95 3.45
C ASN C 439 -3.56 -4.65 2.03
N LYS C 440 -4.46 -4.80 1.06
CA LYS C 440 -4.14 -4.56 -0.33
C LYS C 440 -3.92 -3.07 -0.61
N LEU C 441 -4.64 -2.20 0.08
CA LEU C 441 -4.63 -0.79 -0.25
C LEU C 441 -4.10 0.14 0.82
N ASP C 442 -3.86 -0.33 2.04
CA ASP C 442 -3.42 0.56 3.10
C ASP C 442 -2.00 0.34 3.59
N SER C 443 -1.33 -0.71 3.14
CA SER C 443 -0.01 -1.06 3.66
C SER C 443 1.09 -0.62 2.70
N LYS C 444 1.84 0.41 3.07
CA LYS C 444 2.96 0.87 2.28
C LYS C 444 4.20 0.11 2.71
N VAL C 445 5.12 -0.12 1.77
CA VAL C 445 6.38 -0.75 2.11
C VAL C 445 7.24 0.22 2.90
N GLY C 446 7.69 -0.21 4.07
CA GLY C 446 8.42 0.65 4.97
C GLY C 446 7.59 1.28 6.06
N GLY C 447 6.27 1.22 5.96
CA GLY C 447 5.44 1.74 7.04
C GLY C 447 4.55 2.88 6.55
N ASN C 448 3.27 2.75 6.84
CA ASN C 448 2.27 3.77 6.52
C ASN C 448 1.94 4.53 7.79
N TYR C 449 2.63 5.65 8.00
CA TYR C 449 2.41 6.46 9.20
C TYR C 449 1.43 7.58 8.93
N ASN C 450 0.24 7.19 8.47
CA ASN C 450 -0.85 8.12 8.22
C ASN C 450 -2.13 7.76 8.94
N TYR C 451 -2.27 6.53 9.39
CA TYR C 451 -3.42 6.11 10.20
C TYR C 451 -2.97 6.09 11.65
N ARG C 452 -3.49 7.02 12.44
CA ARG C 452 -3.14 7.14 13.84
C ARG C 452 -4.37 6.94 14.71
N TYR C 453 -4.14 6.77 16.00
CA TYR C 453 -5.23 6.54 16.94
C TYR C 453 -4.87 7.18 18.27
N ARG C 454 -5.90 7.57 19.01
CA ARG C 454 -5.67 8.19 20.30
C ARG C 454 -5.19 7.14 21.30
N LEU C 455 -4.09 7.45 21.99
CA LEU C 455 -3.55 6.57 23.01
C LEU C 455 -3.77 7.07 24.42
N PHE C 456 -3.98 8.37 24.61
CA PHE C 456 -4.10 8.96 25.93
C PHE C 456 -5.32 9.87 26.00
N ARG C 457 -6.08 9.75 27.07
CA ARG C 457 -7.21 10.64 27.33
C ARG C 457 -7.44 10.71 28.82
N LYS C 458 -8.18 11.72 29.25
CA LYS C 458 -8.39 11.91 30.68
C LYS C 458 -9.40 10.89 31.22
N SER C 459 -10.57 10.81 30.60
CA SER C 459 -11.59 9.85 30.97
C SER C 459 -12.15 9.21 29.70
N ASN C 460 -12.77 8.05 29.86
CA ASN C 460 -13.39 7.41 28.72
C ASN C 460 -14.48 8.30 28.15
N LEU C 461 -14.83 8.07 26.90
CA LEU C 461 -15.71 8.97 26.18
C LEU C 461 -17.09 8.38 26.02
N LYS C 462 -18.08 9.26 25.86
CA LYS C 462 -19.47 8.86 25.77
C LYS C 462 -19.73 8.16 24.43
N PRO C 463 -20.79 7.37 24.34
CA PRO C 463 -21.09 6.67 23.08
C PRO C 463 -21.30 7.64 21.93
N PHE C 464 -20.81 7.26 20.77
CA PHE C 464 -20.99 8.03 19.53
C PHE C 464 -20.39 9.43 19.65
N GLU C 465 -19.34 9.57 20.45
CA GLU C 465 -18.67 10.85 20.64
C GLU C 465 -17.36 10.87 19.87
N ARG C 466 -17.03 12.02 19.29
CA ARG C 466 -15.79 12.19 18.58
C ARG C 466 -15.05 13.40 19.12
N ASP C 467 -13.74 13.25 19.34
CA ASP C 467 -12.88 14.36 19.70
C ASP C 467 -11.65 14.35 18.80
N ILE C 468 -11.23 15.53 18.37
CA ILE C 468 -10.12 15.66 17.45
C ILE C 468 -8.93 16.42 18.03
N SER C 469 -9.12 17.17 19.11
CA SER C 469 -8.04 17.98 19.67
C SER C 469 -6.82 17.12 19.99
N THR C 470 -5.65 17.66 19.72
CA THR C 470 -4.38 16.94 19.87
C THR C 470 -3.54 17.61 20.94
N GLU C 471 -4.17 17.96 22.06
CA GLU C 471 -3.44 18.63 23.13
C GLU C 471 -2.52 17.65 23.84
N ILE C 472 -1.42 18.16 24.36
CA ILE C 472 -0.41 17.33 25.00
C ILE C 472 -0.94 16.79 26.34
N TYR C 473 -0.62 15.52 26.60
CA TYR C 473 -1.24 14.87 27.74
C TYR C 473 -0.53 15.25 29.04
N GLN C 474 -1.29 15.14 30.14
CA GLN C 474 -0.80 15.48 31.46
C GLN C 474 0.15 14.41 32.01
N ALA C 475 1.11 14.85 32.83
CA ALA C 475 2.08 13.97 33.45
C ALA C 475 2.08 14.25 34.94
N GLY C 476 2.76 13.38 35.70
CA GLY C 476 2.95 13.54 37.13
C GLY C 476 3.17 14.99 37.51
N ASN C 477 4.11 15.61 36.80
CA ASN C 477 4.39 17.01 36.91
C ASN C 477 4.00 17.63 35.58
N LYS C 478 3.87 18.95 35.59
CA LYS C 478 3.56 19.74 34.38
C LYS C 478 4.33 19.18 33.20
N PRO C 479 3.64 18.73 32.13
CA PRO C 479 4.36 18.12 31.00
C PRO C 479 5.43 19.05 30.47
N CYS C 480 6.35 18.51 29.67
CA CYS C 480 7.41 19.31 29.09
C CYS C 480 6.79 20.31 28.11
N ASN C 481 6.87 20.01 26.83
CA ASN C 481 6.30 20.84 25.77
C ASN C 481 6.50 20.10 24.46
N GLY C 482 5.61 19.19 24.12
CA GLY C 482 5.74 18.39 22.92
C GLY C 482 7.11 17.75 22.74
N VAL C 483 7.81 17.48 23.85
CA VAL C 483 9.15 16.91 23.86
C VAL C 483 9.19 15.85 24.97
N ALA C 484 10.27 15.07 24.98
CA ALA C 484 10.48 14.01 25.94
C ALA C 484 10.66 14.59 27.34
N GLY C 485 10.66 13.70 28.34
CA GLY C 485 10.80 14.12 29.72
C GLY C 485 10.47 12.97 30.63
N VAL C 486 10.22 13.30 31.92
CA VAL C 486 9.96 12.26 32.90
C VAL C 486 8.71 11.48 32.49
N ASN C 487 7.58 12.19 32.28
CA ASN C 487 6.52 11.59 31.47
C ASN C 487 6.16 12.44 30.26
N CYS C 488 5.49 13.59 30.43
CA CYS C 488 5.09 14.53 29.37
C CYS C 488 4.82 13.88 28.01
N TYR C 489 3.94 12.90 27.95
CA TYR C 489 3.72 12.19 26.70
C TYR C 489 2.85 13.00 25.74
N PHE C 490 2.65 12.45 24.55
CA PHE C 490 1.81 13.00 23.49
C PHE C 490 0.70 12.00 23.20
N PRO C 491 -0.53 12.46 22.94
CA PRO C 491 -1.67 11.54 22.87
C PRO C 491 -1.68 10.54 21.71
N LEU C 492 -1.53 11.00 20.48
CA LEU C 492 -1.78 10.15 19.32
C LEU C 492 -0.58 9.26 19.00
N GLN C 493 -0.86 8.10 18.42
CA GLN C 493 0.17 7.17 17.99
C GLN C 493 -0.18 6.61 16.62
N SER C 494 0.85 6.35 15.82
CA SER C 494 0.63 5.91 14.45
C SER C 494 0.41 4.40 14.41
N TYR C 495 0.35 3.83 13.22
CA TYR C 495 0.06 2.42 13.08
C TYR C 495 1.27 1.68 12.55
N GLY C 496 1.78 2.10 11.39
CA GLY C 496 2.97 1.54 10.77
C GLY C 496 2.74 0.33 9.90
N PHE C 497 1.65 0.32 9.14
CA PHE C 497 1.29 -0.84 8.34
C PHE C 497 2.30 -1.14 7.26
N ARG C 498 2.67 -2.41 7.12
CA ARG C 498 3.58 -2.93 6.11
C ARG C 498 2.97 -4.20 5.53
N PRO C 499 3.37 -4.57 4.31
CA PRO C 499 2.73 -5.73 3.66
C PRO C 499 3.06 -7.06 4.30
N THR C 500 4.10 -7.15 5.12
CA THR C 500 4.51 -8.42 5.69
C THR C 500 3.94 -8.69 7.08
N TYR C 501 3.24 -7.74 7.67
CA TYR C 501 2.70 -7.96 9.01
C TYR C 501 1.73 -9.13 9.01
N GLY C 502 1.70 -9.86 10.11
CA GLY C 502 0.76 -10.95 10.25
C GLY C 502 -0.68 -10.45 10.19
N VAL C 503 -1.58 -11.41 10.01
CA VAL C 503 -2.99 -11.08 9.83
C VAL C 503 -3.54 -10.33 11.05
N GLY C 504 -2.93 -10.55 12.21
CA GLY C 504 -3.36 -9.84 13.39
C GLY C 504 -2.98 -8.37 13.41
N HIS C 505 -2.04 -7.97 12.56
CA HIS C 505 -1.58 -6.58 12.50
C HIS C 505 -1.86 -5.94 11.16
N GLN C 506 -2.63 -6.54 10.35
CA GLN C 506 -2.92 -5.96 9.06
C GLN C 506 -4.10 -5.00 9.17
N PRO C 507 -4.15 -3.98 8.31
CA PRO C 507 -5.23 -2.99 8.41
C PRO C 507 -6.56 -3.54 7.93
N TYR C 508 -7.61 -3.20 8.66
CA TYR C 508 -8.97 -3.63 8.34
C TYR C 508 -9.85 -2.40 8.20
N ARG C 509 -10.70 -2.39 7.19
CA ARG C 509 -11.69 -1.34 7.00
C ARG C 509 -13.01 -1.79 7.60
N VAL C 510 -13.66 -0.91 8.34
CA VAL C 510 -14.85 -1.26 9.10
C VAL C 510 -15.88 -0.15 8.97
N VAL C 511 -17.13 -0.53 8.74
CA VAL C 511 -18.23 0.42 8.62
C VAL C 511 -19.38 -0.09 9.47
N VAL C 512 -20.00 0.82 10.23
CA VAL C 512 -21.02 0.48 11.20
C VAL C 512 -22.32 1.18 10.83
N LEU C 513 -23.41 0.42 10.77
CA LEU C 513 -24.73 0.94 10.46
C LEU C 513 -25.58 0.96 11.71
N SER C 514 -26.24 2.07 11.97
CA SER C 514 -27.09 2.26 13.13
C SER C 514 -28.52 2.55 12.66
N PHE C 515 -29.49 1.83 13.21
CA PHE C 515 -30.88 1.98 12.80
C PHE C 515 -31.71 2.57 13.93
N GLU C 516 -33.00 2.77 13.64
CA GLU C 516 -33.98 3.16 14.63
C GLU C 516 -35.31 2.58 14.20
N LEU C 517 -36.10 2.11 15.17
CA LEU C 517 -37.30 1.34 14.84
C LEU C 517 -38.58 1.80 15.54
N LEU C 518 -38.52 2.68 16.54
CA LEU C 518 -39.68 2.99 17.35
C LEU C 518 -40.51 4.11 16.74
N HIS C 519 -41.81 3.88 16.64
CA HIS C 519 -42.80 4.82 16.08
C HIS C 519 -42.27 5.43 14.79
N ALA C 520 -42.10 4.57 13.79
CA ALA C 520 -41.44 4.97 12.57
C ALA C 520 -42.46 5.27 11.49
N PRO C 521 -42.64 6.52 11.08
CA PRO C 521 -43.24 6.78 9.77
C PRO C 521 -42.12 6.59 8.75
N ALA C 522 -41.93 5.32 8.38
CA ALA C 522 -40.75 4.85 7.70
C ALA C 522 -40.27 5.80 6.61
N THR C 523 -38.97 6.04 6.60
CA THR C 523 -38.34 6.95 5.65
C THR C 523 -37.44 6.25 4.65
N VAL C 524 -36.89 5.08 5.00
CA VAL C 524 -35.94 4.36 4.17
C VAL C 524 -36.18 2.86 4.32
N CYS C 525 -36.53 2.19 3.22
CA CYS C 525 -36.64 0.74 3.18
C CYS C 525 -36.96 0.31 1.76
N GLY C 526 -36.88 -1.01 1.53
CA GLY C 526 -37.22 -1.59 0.25
C GLY C 526 -36.44 -2.84 -0.11
#